data_6CHP
#
_entry.id   6CHP
#
_cell.length_a   135.634
_cell.length_b   135.634
_cell.length_c   135.634
_cell.angle_alpha   90.000
_cell.angle_beta   90.000
_cell.angle_gamma   90.000
#
_symmetry.space_group_name_H-M   'I 2 3'
#
loop_
_entity.id
_entity.type
_entity.pdbx_description
1 polymer 'Phosphopantetheine adenylyltransferase'
2 non-polymer 'methyl 4-[(3-{(1R)-2-cyano-1-[(5-methyl-3H-imidazo[4,5-b]pyridin-2-yl)amino]ethyl}phenyl)methyl]piperidine-1-carboxylate'
3 non-polymer 'SULFATE ION'
4 non-polymer 'TETRAETHYLENE GLYCOL'
5 water water
#
_entity_poly.entity_id   1
_entity_poly.type   'polypeptide(L)'
_entity_poly.pdbx_seq_one_letter_code
;MQKRAIYPGTFDPITNGHIDIVTRATQMFDHVILAIAASPSKKPMFTLEERVALAQQATAHLGNVEVVGFSDLMANFARN
QHATVLIRGLRAVADFEYEMQLAHMNRHLMPELESVFLMPSKEWSFISSSLVKEVARHQGDVTHFLPENVHQALMAKLAV
D
;
_entity_poly.pdbx_strand_id   A,B
#
loop_
_chem_comp.id
_chem_comp.type
_chem_comp.name
_chem_comp.formula
F0Y non-polymer 'methyl 4-[(3-{(1R)-2-cyano-1-[(5-methyl-3H-imidazo[4,5-b]pyridin-2-yl)amino]ethyl}phenyl)methyl]piperidine-1-carboxylate' 'C24 H28 N6 O2'
PG4 non-polymer 'TETRAETHYLENE GLYCOL' 'C8 H18 O5'
SO4 non-polymer 'SULFATE ION' 'O4 S -2'
#
# COMPACT_ATOMS: atom_id res chain seq x y z
N GLN A 2 -16.91 -10.07 -5.60
CA GLN A 2 -16.84 -9.17 -4.46
C GLN A 2 -15.44 -9.16 -3.80
N LYS A 3 -14.70 -8.02 -3.93
CA LYS A 3 -13.37 -7.89 -3.34
C LYS A 3 -13.52 -7.37 -1.91
N ARG A 4 -13.02 -8.17 -0.94
CA ARG A 4 -13.18 -7.85 0.48
C ARG A 4 -11.85 -7.48 1.15
N ALA A 5 -11.84 -6.35 1.85
CA ALA A 5 -10.65 -5.86 2.56
C ALA A 5 -10.92 -5.72 4.05
N ILE A 6 -9.89 -5.95 4.86
N ILE A 6 -9.89 -5.93 4.87
CA ILE A 6 -10.01 -5.81 6.32
CA ILE A 6 -10.01 -5.74 6.32
C ILE A 6 -9.05 -4.69 6.79
C ILE A 6 -9.08 -4.63 6.74
N TYR A 7 -9.57 -3.76 7.62
CA TYR A 7 -8.80 -2.65 8.18
C TYR A 7 -8.74 -2.90 9.70
N PRO A 8 -7.66 -3.54 10.17
CA PRO A 8 -7.57 -3.88 11.59
C PRO A 8 -6.78 -2.89 12.44
N GLY A 9 -7.02 -2.93 13.74
CA GLY A 9 -6.32 -2.08 14.69
C GLY A 9 -6.97 -2.16 16.05
N THR A 10 -6.47 -1.38 17.00
N THR A 10 -6.45 -1.37 17.00
CA THR A 10 -7.01 -1.31 18.36
CA THR A 10 -6.96 -1.27 18.37
C THR A 10 -8.10 -0.22 18.46
C THR A 10 -8.08 -0.24 18.46
N PHE A 11 -8.00 0.83 17.62
CA PHE A 11 -8.99 1.95 17.53
C PHE A 11 -9.52 2.41 18.90
N ASP A 12 -8.59 2.82 19.75
CA ASP A 12 -8.84 3.18 21.13
C ASP A 12 -8.55 4.66 21.48
N PRO A 13 -9.36 5.63 20.99
CA PRO A 13 -10.56 5.45 20.16
C PRO A 13 -10.27 5.70 18.68
N ILE A 14 -11.25 5.39 17.82
CA ILE A 14 -11.17 5.68 16.38
C ILE A 14 -11.01 7.22 16.22
N THR A 15 -10.07 7.67 15.36
CA THR A 15 -9.82 9.11 15.15
C THR A 15 -10.23 9.47 13.71
N ASN A 16 -10.11 10.78 13.37
CA ASN A 16 -10.34 11.25 11.99
C ASN A 16 -9.31 10.67 11.03
N GLY A 17 -8.12 10.30 11.52
CA GLY A 17 -7.09 9.66 10.71
C GLY A 17 -7.55 8.28 10.26
N HIS A 18 -8.19 7.53 11.19
CA HIS A 18 -8.76 6.22 10.87
C HIS A 18 -9.94 6.35 9.90
N ILE A 19 -10.77 7.40 10.07
CA ILE A 19 -11.95 7.64 9.21
C ILE A 19 -11.47 7.90 7.80
N ASP A 20 -10.39 8.69 7.68
CA ASP A 20 -9.79 9.03 6.39
C ASP A 20 -9.34 7.75 5.67
N ILE A 21 -8.63 6.83 6.37
CA ILE A 21 -8.10 5.58 5.78
C ILE A 21 -9.25 4.64 5.37
N VAL A 22 -10.24 4.43 6.27
CA VAL A 22 -11.36 3.54 5.94
C VAL A 22 -12.16 4.12 4.76
N THR A 23 -12.29 5.46 4.67
CA THR A 23 -13.02 6.08 3.55
C THR A 23 -12.30 5.79 2.22
N ARG A 24 -10.96 5.96 2.20
CA ARG A 24 -10.16 5.67 1.02
C ARG A 24 -10.28 4.19 0.61
N ALA A 25 -10.32 3.28 1.59
CA ALA A 25 -10.45 1.85 1.33
C ALA A 25 -11.80 1.51 0.67
N THR A 26 -12.89 2.19 1.11
CA THR A 26 -14.25 1.96 0.56
C THR A 26 -14.37 2.43 -0.90
N GLN A 27 -13.46 3.33 -1.32
CA GLN A 27 -13.46 3.81 -2.71
C GLN A 27 -12.74 2.82 -3.65
N MET A 28 -12.02 1.86 -3.08
N MET A 28 -11.99 1.86 -3.08
CA MET A 28 -11.20 0.90 -3.80
CA MET A 28 -11.22 0.88 -3.86
C MET A 28 -11.76 -0.53 -3.79
C MET A 28 -11.81 -0.52 -3.83
N PHE A 29 -12.36 -0.93 -2.68
CA PHE A 29 -12.88 -2.29 -2.48
C PHE A 29 -14.38 -2.26 -2.25
N ASP A 30 -15.06 -3.33 -2.66
CA ASP A 30 -16.51 -3.47 -2.56
C ASP A 30 -17.01 -3.55 -1.12
N HIS A 31 -16.27 -4.24 -0.24
CA HIS A 31 -16.68 -4.40 1.16
C HIS A 31 -15.48 -4.27 2.05
N VAL A 32 -15.59 -3.42 3.10
CA VAL A 32 -14.47 -3.20 4.01
C VAL A 32 -14.91 -3.60 5.42
N ILE A 33 -14.16 -4.50 6.05
CA ILE A 33 -14.44 -4.85 7.45
C ILE A 33 -13.49 -4.01 8.33
N LEU A 34 -14.02 -3.16 9.21
CA LEU A 34 -13.18 -2.41 10.16
C LEU A 34 -13.14 -3.31 11.40
N ALA A 35 -11.97 -3.91 11.70
CA ALA A 35 -11.82 -4.94 12.70
C ALA A 35 -11.09 -4.47 13.91
N ILE A 36 -11.78 -4.49 15.04
CA ILE A 36 -11.22 -3.96 16.28
C ILE A 36 -10.74 -5.07 17.18
N ALA A 37 -9.42 -5.07 17.48
CA ALA A 37 -8.85 -6.07 18.37
C ALA A 37 -9.18 -5.79 19.82
N ALA A 38 -9.56 -6.82 20.60
CA ALA A 38 -9.83 -6.64 22.04
C ALA A 38 -8.58 -6.00 22.73
N SER A 39 -7.36 -6.43 22.34
CA SER A 39 -6.06 -5.93 22.82
C SER A 39 -5.94 -5.76 24.36
N PRO A 40 -6.32 -6.75 25.21
CA PRO A 40 -6.20 -6.53 26.67
C PRO A 40 -4.79 -6.20 27.17
N SER A 41 -3.73 -6.66 26.47
CA SER A 41 -2.32 -6.40 26.85
C SER A 41 -1.92 -4.92 26.74
N LYS A 42 -2.63 -4.15 25.90
CA LYS A 42 -2.35 -2.72 25.72
C LYS A 42 -3.12 -1.88 26.75
N LYS A 43 -3.94 -2.54 27.60
CA LYS A 43 -4.81 -1.94 28.62
C LYS A 43 -5.59 -0.76 27.99
N PRO A 44 -6.53 -1.04 27.06
CA PRO A 44 -7.22 0.09 26.39
C PRO A 44 -8.09 0.93 27.31
N MET A 45 -8.26 2.21 26.94
CA MET A 45 -9.10 3.16 27.68
C MET A 45 -10.57 2.77 27.59
N PHE A 46 -11.00 2.37 26.40
CA PHE A 46 -12.38 1.99 26.12
C PHE A 46 -12.49 0.48 25.99
N THR A 47 -13.61 -0.10 26.50
CA THR A 47 -13.82 -1.55 26.34
C THR A 47 -14.04 -1.84 24.83
N LEU A 48 -13.92 -3.11 24.46
CA LEU A 48 -14.16 -3.51 23.08
C LEU A 48 -15.58 -3.13 22.59
N GLU A 49 -16.59 -3.35 23.44
CA GLU A 49 -17.99 -3.02 23.11
C GLU A 49 -18.17 -1.52 22.84
N GLU A 50 -17.53 -0.67 23.66
CA GLU A 50 -17.54 0.80 23.48
C GLU A 50 -16.84 1.17 22.15
N ARG A 51 -15.66 0.59 21.87
CA ARG A 51 -14.88 0.88 20.63
C ARG A 51 -15.67 0.47 19.38
N VAL A 52 -16.34 -0.70 19.42
CA VAL A 52 -17.17 -1.13 18.29
C VAL A 52 -18.35 -0.15 18.10
N ALA A 53 -19.06 0.21 19.18
CA ALA A 53 -20.21 1.13 19.08
C ALA A 53 -19.78 2.52 18.55
N LEU A 54 -18.63 3.06 19.01
CA LEU A 54 -18.15 4.36 18.54
C LEU A 54 -17.79 4.31 17.06
N ALA A 55 -17.11 3.24 16.64
CA ALA A 55 -16.72 3.09 15.24
C ALA A 55 -17.94 2.87 14.34
N GLN A 56 -18.95 2.11 14.81
CA GLN A 56 -20.19 1.91 14.04
C GLN A 56 -20.87 3.27 13.79
N GLN A 57 -21.00 4.10 14.85
CA GLN A 57 -21.61 5.43 14.68
C GLN A 57 -20.80 6.33 13.74
N ALA A 58 -19.47 6.35 13.90
CA ALA A 58 -18.57 7.20 13.10
C ALA A 58 -18.50 6.81 11.63
N THR A 59 -18.80 5.54 11.31
CA THR A 59 -18.73 5.05 9.93
C THR A 59 -20.09 4.77 9.28
N ALA A 60 -21.20 5.04 10.01
CA ALA A 60 -22.57 4.78 9.56
C ALA A 60 -22.91 5.41 8.19
N HIS A 61 -22.26 6.53 7.85
CA HIS A 61 -22.49 7.24 6.57
C HIS A 61 -21.85 6.52 5.35
N LEU A 62 -20.95 5.53 5.61
CA LEU A 62 -20.28 4.72 4.58
C LEU A 62 -21.02 3.37 4.50
N GLY A 63 -21.77 3.17 3.43
CA GLY A 63 -22.59 1.99 3.20
C GLY A 63 -21.90 0.65 3.06
N ASN A 64 -20.61 0.63 2.72
CA ASN A 64 -19.93 -0.66 2.54
C ASN A 64 -18.89 -0.98 3.64
N VAL A 65 -19.08 -0.42 4.86
CA VAL A 65 -18.21 -0.67 6.02
C VAL A 65 -19.00 -1.54 7.02
N GLU A 66 -18.36 -2.58 7.55
CA GLU A 66 -18.90 -3.44 8.59
C GLU A 66 -17.90 -3.38 9.77
N VAL A 67 -18.35 -2.98 10.97
CA VAL A 67 -17.44 -2.91 12.15
C VAL A 67 -17.59 -4.21 12.95
N VAL A 68 -16.48 -4.88 13.28
CA VAL A 68 -16.53 -6.15 14.03
C VAL A 68 -15.40 -6.15 15.06
N GLY A 69 -15.61 -6.85 16.17
CA GLY A 69 -14.57 -6.99 17.19
C GLY A 69 -13.92 -8.36 17.04
N PHE A 70 -12.65 -8.51 17.45
CA PHE A 70 -12.02 -9.85 17.36
C PHE A 70 -10.94 -10.04 18.42
N SER A 71 -10.69 -11.30 18.78
CA SER A 71 -9.61 -11.63 19.70
C SER A 71 -8.67 -12.67 19.03
N ASP A 72 -8.98 -13.08 17.80
CA ASP A 72 -8.22 -14.12 17.09
C ASP A 72 -6.91 -13.61 16.54
N LEU A 73 -6.07 -14.53 16.05
CA LEU A 73 -4.85 -14.19 15.31
C LEU A 73 -5.35 -13.42 14.06
N MET A 74 -4.68 -12.29 13.71
N MET A 74 -4.71 -12.30 13.72
CA MET A 74 -5.06 -11.46 12.55
CA MET A 74 -5.12 -11.46 12.59
C MET A 74 -5.28 -12.27 11.25
C MET A 74 -5.29 -12.25 11.26
N ALA A 75 -4.29 -13.06 10.87
CA ALA A 75 -4.33 -13.86 9.64
C ALA A 75 -5.53 -14.83 9.63
N ASN A 76 -5.85 -15.47 10.79
CA ASN A 76 -7.00 -16.37 10.91
C ASN A 76 -8.31 -15.60 10.73
N PHE A 77 -8.44 -14.45 11.40
N PHE A 77 -8.42 -14.44 11.39
CA PHE A 77 -9.64 -13.61 11.28
CA PHE A 77 -9.59 -13.58 11.29
C PHE A 77 -9.87 -13.12 9.84
C PHE A 77 -9.84 -13.18 9.83
N ALA A 78 -8.78 -12.76 9.11
CA ALA A 78 -8.86 -12.34 7.69
C ALA A 78 -9.36 -13.50 6.81
N ARG A 79 -8.79 -14.71 7.01
CA ARG A 79 -9.22 -15.90 6.27
C ARG A 79 -10.71 -16.17 6.52
N ASN A 80 -11.13 -16.10 7.80
CA ASN A 80 -12.51 -16.38 8.23
C ASN A 80 -13.53 -15.32 7.78
N GLN A 81 -13.05 -14.14 7.37
CA GLN A 81 -13.90 -13.06 6.83
C GLN A 81 -13.88 -13.08 5.31
N HIS A 82 -13.16 -14.08 4.72
CA HIS A 82 -12.97 -14.21 3.26
C HIS A 82 -12.30 -12.96 2.68
N ALA A 83 -11.39 -12.33 3.44
CA ALA A 83 -10.72 -11.14 2.92
C ALA A 83 -9.38 -11.55 2.37
N THR A 84 -8.93 -10.84 1.34
CA THR A 84 -7.66 -11.12 0.67
C THR A 84 -6.79 -9.89 0.67
N VAL A 85 -7.28 -8.79 1.29
CA VAL A 85 -6.57 -7.52 1.38
C VAL A 85 -6.60 -7.03 2.82
N LEU A 86 -5.45 -6.66 3.33
CA LEU A 86 -5.32 -6.09 4.65
C LEU A 86 -4.86 -4.63 4.50
N ILE A 87 -5.68 -3.67 4.95
CA ILE A 87 -5.38 -2.23 4.84
C ILE A 87 -4.63 -1.73 6.08
N ARG A 88 -3.51 -1.00 5.90
N ARG A 88 -3.56 -0.97 5.86
CA ARG A 88 -2.77 -0.36 7.02
CA ARG A 88 -2.77 -0.30 6.89
C ARG A 88 -2.30 1.04 6.58
C ARG A 88 -2.59 1.14 6.46
N GLY A 89 -2.52 2.03 7.43
CA GLY A 89 -2.21 3.43 7.18
C GLY A 89 -0.75 3.69 7.49
N LEU A 90 -0.09 4.52 6.69
CA LEU A 90 1.32 4.85 6.95
C LEU A 90 1.41 6.09 7.83
N ARG A 91 2.49 6.18 8.61
CA ARG A 91 2.71 7.31 9.49
C ARG A 91 4.21 7.53 9.63
N ALA A 92 4.84 6.95 10.67
CA ALA A 92 6.27 7.13 10.95
C ALA A 92 7.13 5.90 10.51
N VAL A 93 8.47 6.08 10.49
CA VAL A 93 9.46 5.04 10.12
C VAL A 93 9.28 3.81 11.01
N ALA A 94 9.14 4.02 12.35
CA ALA A 94 9.00 2.94 13.34
C ALA A 94 7.79 2.09 13.04
N ASP A 95 6.70 2.74 12.63
CA ASP A 95 5.44 2.11 12.26
C ASP A 95 5.67 1.28 10.99
N PHE A 96 6.26 1.91 9.94
CA PHE A 96 6.60 1.26 8.67
C PHE A 96 7.46 0.00 8.84
N GLU A 97 8.56 0.10 9.62
CA GLU A 97 9.43 -1.05 9.88
C GLU A 97 8.66 -2.15 10.62
N TYR A 98 7.80 -1.77 11.58
CA TYR A 98 6.96 -2.76 12.28
C TYR A 98 5.92 -3.36 11.34
N GLU A 99 5.32 -2.55 10.42
CA GLU A 99 4.36 -3.03 9.42
C GLU A 99 5.03 -4.04 8.48
N MET A 100 6.30 -3.80 8.13
CA MET A 100 7.04 -4.74 7.28
C MET A 100 7.21 -6.08 7.99
N GLN A 101 7.50 -6.08 9.32
CA GLN A 101 7.61 -7.34 10.07
C GLN A 101 6.28 -8.10 10.10
N LEU A 102 5.16 -7.38 10.38
CA LEU A 102 3.82 -7.98 10.42
C LEU A 102 3.43 -8.51 9.06
N ALA A 103 3.71 -7.75 7.98
CA ALA A 103 3.37 -8.21 6.63
C ALA A 103 4.13 -9.49 6.27
N HIS A 104 5.43 -9.60 6.60
CA HIS A 104 6.21 -10.82 6.29
C HIS A 104 5.73 -12.02 7.15
N MET A 105 5.33 -11.76 8.38
CA MET A 105 4.79 -12.81 9.25
C MET A 105 3.44 -13.31 8.70
N ASN A 106 2.54 -12.38 8.35
CA ASN A 106 1.23 -12.70 7.78
C ASN A 106 1.31 -13.46 6.46
N ARG A 107 2.37 -13.21 5.69
CA ARG A 107 2.63 -13.89 4.42
C ARG A 107 2.98 -15.34 4.69
N HIS A 108 3.66 -15.62 5.82
CA HIS A 108 3.97 -16.99 6.23
C HIS A 108 2.69 -17.70 6.71
N LEU A 109 1.81 -16.98 7.44
CA LEU A 109 0.54 -17.52 8.00
C LEU A 109 -0.58 -17.66 6.96
N MET A 110 -0.66 -16.74 6.00
CA MET A 110 -1.71 -16.70 4.96
C MET A 110 -1.09 -16.06 3.70
N PRO A 111 -0.42 -16.86 2.83
CA PRO A 111 0.25 -16.29 1.64
C PRO A 111 -0.60 -15.45 0.69
N GLU A 112 -1.89 -15.76 0.56
CA GLU A 112 -2.78 -15.01 -0.35
C GLU A 112 -3.28 -13.66 0.27
N LEU A 113 -3.03 -13.42 1.57
CA LEU A 113 -3.47 -12.17 2.19
C LEU A 113 -2.44 -11.09 1.84
N GLU A 114 -2.89 -10.09 1.11
CA GLU A 114 -2.01 -9.03 0.63
C GLU A 114 -2.12 -7.77 1.48
N SER A 115 -0.97 -7.32 2.04
CA SER A 115 -0.87 -6.10 2.82
C SER A 115 -0.87 -4.89 1.87
N VAL A 116 -1.78 -3.93 2.09
CA VAL A 116 -1.92 -2.75 1.23
C VAL A 116 -1.78 -1.55 2.13
N PHE A 117 -0.83 -0.67 1.83
CA PHE A 117 -0.61 0.53 2.65
C PHE A 117 -1.17 1.75 1.97
N LEU A 118 -1.94 2.54 2.73
CA LEU A 118 -2.55 3.79 2.24
C LEU A 118 -1.97 4.94 3.03
N MET A 119 -1.94 6.12 2.41
N MET A 119 -1.98 6.11 2.42
CA MET A 119 -1.39 7.32 3.04
CA MET A 119 -1.46 7.30 3.09
C MET A 119 -2.53 8.25 3.47
C MET A 119 -2.57 8.23 3.49
N PRO A 120 -2.61 8.65 4.77
CA PRO A 120 -3.67 9.56 5.19
C PRO A 120 -3.42 10.96 4.65
N SER A 121 -4.47 11.78 4.64
CA SER A 121 -4.42 13.20 4.29
C SER A 121 -3.32 13.83 5.17
N LYS A 122 -2.67 14.89 4.67
CA LYS A 122 -1.65 15.66 5.40
C LYS A 122 -2.27 16.12 6.72
N GLU A 123 -3.59 16.41 6.69
CA GLU A 123 -4.34 16.89 7.86
C GLU A 123 -4.22 15.98 9.10
N TRP A 124 -4.17 14.65 8.90
CA TRP A 124 -4.15 13.63 9.95
C TRP A 124 -2.82 12.85 10.02
N SER A 125 -1.82 13.24 9.24
CA SER A 125 -0.55 12.51 9.14
C SER A 125 0.35 12.57 10.38
N PHE A 126 -0.02 13.39 11.38
CA PHE A 126 0.79 13.51 12.60
C PHE A 126 0.01 13.16 13.86
N ILE A 127 -1.19 12.57 13.71
CA ILE A 127 -2.02 12.20 14.87
C ILE A 127 -2.07 10.69 15.07
N SER A 128 -2.38 10.27 16.30
CA SER A 128 -2.57 8.89 16.71
C SER A 128 -3.57 8.87 17.85
N SER A 129 -4.16 7.70 18.14
CA SER A 129 -5.06 7.57 19.30
C SER A 129 -4.30 7.94 20.59
N SER A 130 -3.05 7.46 20.76
N SER A 130 -3.05 7.47 20.75
CA SER A 130 -2.21 7.75 21.94
CA SER A 130 -2.20 7.75 21.93
C SER A 130 -2.00 9.25 22.16
C SER A 130 -1.98 9.25 22.16
N LEU A 131 -1.63 9.99 21.10
CA LEU A 131 -1.38 11.45 21.17
C LEU A 131 -2.65 12.21 21.55
N VAL A 132 -3.78 11.87 20.91
CA VAL A 132 -5.07 12.52 21.21
C VAL A 132 -5.45 12.29 22.71
N LYS A 133 -5.33 11.04 23.18
CA LYS A 133 -5.62 10.72 24.59
C LYS A 133 -4.69 11.50 25.57
N GLU A 134 -3.37 11.59 25.27
CA GLU A 134 -2.41 12.33 26.12
C GLU A 134 -2.80 13.82 26.23
N VAL A 135 -3.17 14.44 25.08
CA VAL A 135 -3.62 15.85 25.07
C VAL A 135 -4.91 15.97 25.90
N ALA A 136 -5.90 15.08 25.66
CA ALA A 136 -7.19 15.12 26.36
C ALA A 136 -7.06 14.91 27.87
N ARG A 137 -6.10 14.08 28.30
CA ARG A 137 -5.86 13.81 29.72
C ARG A 137 -5.34 15.06 30.43
N HIS A 138 -4.75 16.00 29.67
CA HIS A 138 -4.26 17.27 30.21
C HIS A 138 -5.18 18.45 29.80
N GLN A 139 -6.44 18.13 29.43
CA GLN A 139 -7.54 19.04 29.15
C GLN A 139 -7.38 19.86 27.85
N GLY A 140 -6.50 19.45 26.95
CA GLY A 140 -6.32 20.13 25.67
C GLY A 140 -7.48 19.84 24.74
N ASP A 141 -7.85 20.81 23.87
CA ASP A 141 -8.98 20.69 22.92
C ASP A 141 -8.62 19.71 21.78
N VAL A 142 -9.34 18.58 21.69
CA VAL A 142 -9.09 17.58 20.64
C VAL A 142 -10.31 17.41 19.70
N THR A 143 -11.24 18.39 19.70
CA THR A 143 -12.45 18.35 18.87
C THR A 143 -12.15 18.18 17.37
N HIS A 144 -11.07 18.80 16.90
CA HIS A 144 -10.69 18.74 15.47
C HIS A 144 -10.26 17.34 14.99
N PHE A 145 -9.81 16.48 15.92
CA PHE A 145 -9.20 15.20 15.58
C PHE A 145 -10.08 13.99 15.68
N LEU A 146 -11.27 14.16 16.22
CA LEU A 146 -12.17 13.03 16.44
C LEU A 146 -13.56 13.23 15.89
N PRO A 147 -14.25 12.14 15.48
CA PRO A 147 -15.68 12.28 15.13
C PRO A 147 -16.44 12.80 16.35
N GLU A 148 -17.56 13.49 16.15
CA GLU A 148 -18.35 14.10 17.24
C GLU A 148 -18.70 13.12 18.39
N ASN A 149 -19.25 11.94 18.05
CA ASN A 149 -19.64 10.93 19.04
C ASN A 149 -18.44 10.45 19.88
N VAL A 150 -17.25 10.33 19.24
CA VAL A 150 -16.01 9.88 19.88
C VAL A 150 -15.52 10.96 20.84
N HIS A 151 -15.54 12.22 20.39
CA HIS A 151 -15.11 13.35 21.23
C HIS A 151 -15.95 13.39 22.53
N GLN A 152 -17.30 13.26 22.43
CA GLN A 152 -18.20 13.23 23.61
C GLN A 152 -17.86 12.06 24.53
N ALA A 153 -17.60 10.86 23.96
CA ALA A 153 -17.31 9.65 24.74
C ALA A 153 -15.99 9.81 25.48
N LEU A 154 -14.98 10.39 24.82
CA LEU A 154 -13.65 10.62 25.40
C LEU A 154 -13.73 11.61 26.57
N MET A 155 -14.47 12.73 26.39
CA MET A 155 -14.68 13.74 27.43
C MET A 155 -15.37 13.08 28.65
N ALA A 156 -16.41 12.26 28.39
CA ALA A 156 -17.19 11.56 29.43
C ALA A 156 -16.31 10.56 30.19
N LYS A 157 -15.45 9.80 29.47
CA LYS A 157 -14.55 8.81 30.05
C LYS A 157 -13.55 9.46 31.02
N LEU A 158 -13.00 10.61 30.63
CA LEU A 158 -12.04 11.33 31.46
C LEU A 158 -12.67 12.15 32.58
N ALA A 159 -14.00 12.39 32.52
CA ALA A 159 -14.70 13.24 33.51
C ALA A 159 -14.88 12.61 34.89
N MET B 1 -17.03 -3.40 -8.63
CA MET B 1 -16.01 -2.42 -9.02
C MET B 1 -15.02 -3.00 -10.02
N GLN B 2 -14.85 -2.32 -11.19
CA GLN B 2 -13.92 -2.70 -12.26
C GLN B 2 -12.69 -1.76 -12.25
N LYS B 3 -11.83 -1.95 -11.25
CA LYS B 3 -10.67 -1.09 -11.02
C LYS B 3 -9.52 -1.22 -12.04
N ARG B 4 -9.02 -0.06 -12.49
CA ARG B 4 -7.87 0.05 -13.38
C ARG B 4 -6.74 0.64 -12.54
N ALA B 5 -5.62 -0.07 -12.46
CA ALA B 5 -4.49 0.37 -11.66
C ALA B 5 -3.29 0.64 -12.57
N ILE B 6 -2.44 1.58 -12.17
CA ILE B 6 -1.23 1.90 -12.95
C ILE B 6 0.00 1.62 -12.08
N TYR B 7 1.02 0.97 -12.64
CA TYR B 7 2.29 0.65 -11.96
C TYR B 7 3.40 1.31 -12.80
N PRO B 8 3.78 2.55 -12.46
CA PRO B 8 4.75 3.27 -13.29
C PRO B 8 6.20 3.11 -12.87
N GLY B 9 7.10 3.37 -13.79
CA GLY B 9 8.53 3.30 -13.50
C GLY B 9 9.36 3.42 -14.75
N THR B 10 10.68 3.29 -14.60
N THR B 10 10.66 3.27 -14.59
CA THR B 10 11.59 3.32 -15.76
CA THR B 10 11.63 3.34 -15.67
C THR B 10 11.82 1.91 -16.26
C THR B 10 11.86 1.93 -16.22
N PHE B 11 11.76 0.88 -15.36
CA PHE B 11 11.93 -0.55 -15.71
C PHE B 11 13.15 -0.75 -16.64
N ASP B 12 14.33 -0.31 -16.17
CA ASP B 12 15.57 -0.30 -16.96
C ASP B 12 16.68 -1.19 -16.39
N PRO B 13 16.59 -2.53 -16.49
CA PRO B 13 15.50 -3.34 -17.06
C PRO B 13 14.52 -3.79 -15.97
N ILE B 14 13.40 -4.43 -16.39
CA ILE B 14 12.45 -5.01 -15.44
C ILE B 14 13.18 -6.16 -14.68
N THR B 15 12.99 -6.22 -13.37
CA THR B 15 13.63 -7.25 -12.53
C THR B 15 12.58 -8.19 -11.93
N ASN B 16 13.02 -9.23 -11.20
CA ASN B 16 12.07 -10.12 -10.52
C ASN B 16 11.31 -9.40 -9.40
N GLY B 17 11.87 -8.29 -8.91
CA GLY B 17 11.21 -7.44 -7.90
C GLY B 17 10.00 -6.77 -8.52
N HIS B 18 10.15 -6.24 -9.75
CA HIS B 18 9.03 -5.62 -10.51
C HIS B 18 7.94 -6.67 -10.85
N ILE B 19 8.37 -7.88 -11.27
CA ILE B 19 7.46 -8.98 -11.60
C ILE B 19 6.64 -9.35 -10.36
N ASP B 20 7.32 -9.44 -9.20
CA ASP B 20 6.66 -9.73 -7.93
C ASP B 20 5.53 -8.71 -7.65
N ILE B 21 5.84 -7.41 -7.74
CA ILE B 21 4.87 -6.33 -7.45
C ILE B 21 3.71 -6.36 -8.44
N VAL B 22 4.00 -6.42 -9.76
CA VAL B 22 2.91 -6.46 -10.76
C VAL B 22 2.03 -7.71 -10.60
N THR B 23 2.62 -8.87 -10.24
CA THR B 23 1.85 -10.11 -10.04
C THR B 23 0.87 -9.89 -8.86
N ARG B 24 1.35 -9.33 -7.75
CA ARG B 24 0.49 -9.04 -6.59
C ARG B 24 -0.64 -8.08 -6.97
N ALA B 25 -0.33 -7.05 -7.79
CA ALA B 25 -1.32 -6.06 -8.22
C ALA B 25 -2.42 -6.72 -9.09
N THR B 26 -2.04 -7.70 -9.93
CA THR B 26 -3.03 -8.41 -10.79
C THR B 26 -4.00 -9.30 -10.00
N GLN B 27 -3.56 -9.72 -8.82
N GLN B 27 -3.59 -9.75 -8.81
CA GLN B 27 -4.31 -10.55 -7.87
CA GLN B 27 -4.46 -10.56 -7.95
C GLN B 27 -5.33 -9.74 -7.06
C GLN B 27 -5.52 -9.70 -7.28
N MET B 28 -5.28 -8.38 -7.14
CA MET B 28 -6.25 -7.56 -6.44
C MET B 28 -7.03 -6.59 -7.32
N PHE B 29 -6.52 -6.24 -8.52
CA PHE B 29 -7.24 -5.31 -9.39
C PHE B 29 -7.53 -5.98 -10.74
N ASP B 30 -8.66 -5.62 -11.37
CA ASP B 30 -9.10 -6.20 -12.65
C ASP B 30 -8.14 -5.96 -13.82
N HIS B 31 -7.55 -4.76 -13.91
CA HIS B 31 -6.65 -4.42 -15.00
C HIS B 31 -5.49 -3.60 -14.46
N VAL B 32 -4.26 -3.99 -14.84
CA VAL B 32 -3.04 -3.31 -14.39
C VAL B 32 -2.27 -2.79 -15.61
N ILE B 33 -1.95 -1.49 -15.61
CA ILE B 33 -1.14 -0.90 -16.68
C ILE B 33 0.31 -0.82 -16.16
N LEU B 34 1.23 -1.53 -16.81
CA LEU B 34 2.64 -1.43 -16.43
C LEU B 34 3.16 -0.30 -17.35
N ALA B 35 3.31 0.90 -16.77
CA ALA B 35 3.62 2.14 -17.48
C ALA B 35 5.12 2.43 -17.45
N ILE B 36 5.75 2.46 -18.63
CA ILE B 36 7.20 2.67 -18.76
C ILE B 36 7.53 4.06 -19.23
N ALA B 37 8.37 4.79 -18.45
CA ALA B 37 8.75 6.16 -18.78
C ALA B 37 9.60 6.19 -20.04
N ALA B 38 9.16 6.99 -21.03
CA ALA B 38 9.84 7.06 -22.33
C ALA B 38 11.22 7.70 -22.25
N SER B 39 11.31 8.83 -21.56
CA SER B 39 12.52 9.66 -21.51
C SER B 39 12.92 10.05 -20.10
N PRO B 40 13.58 9.14 -19.35
CA PRO B 40 14.06 9.53 -18.01
C PRO B 40 15.20 10.55 -18.10
N SER B 41 15.50 11.26 -16.99
CA SER B 41 16.55 12.30 -16.97
C SER B 41 17.92 11.74 -17.33
N LYS B 42 18.27 10.57 -16.78
CA LYS B 42 19.53 9.91 -17.11
C LYS B 42 19.23 8.96 -18.25
N LYS B 43 20.11 8.93 -19.28
CA LYS B 43 19.98 8.04 -20.44
C LYS B 43 19.88 6.59 -19.93
N PRO B 44 18.82 5.84 -20.30
CA PRO B 44 18.69 4.47 -19.77
C PRO B 44 19.65 3.51 -20.47
N MET B 45 19.99 2.37 -19.83
CA MET B 45 20.86 1.36 -20.45
C MET B 45 20.13 0.74 -21.68
N PHE B 46 18.82 0.52 -21.52
CA PHE B 46 17.95 -0.04 -22.56
C PHE B 46 17.04 1.04 -23.12
N THR B 47 16.85 1.04 -24.45
CA THR B 47 15.97 2.00 -25.12
C THR B 47 14.53 1.71 -24.71
N LEU B 48 13.61 2.66 -24.92
CA LEU B 48 12.21 2.42 -24.60
C LEU B 48 11.68 1.16 -25.33
N GLU B 49 12.02 1.00 -26.63
CA GLU B 49 11.58 -0.18 -27.39
C GLU B 49 12.03 -1.50 -26.75
N GLU B 50 13.29 -1.54 -26.28
CA GLU B 50 13.87 -2.72 -25.60
C GLU B 50 13.16 -2.94 -24.25
N ARG B 51 12.99 -1.87 -23.44
CA ARG B 51 12.32 -1.94 -22.12
C ARG B 51 10.88 -2.46 -22.22
N VAL B 52 10.14 -1.99 -23.22
CA VAL B 52 8.76 -2.41 -23.49
C VAL B 52 8.71 -3.87 -23.90
N ALA B 53 9.56 -4.28 -24.87
CA ALA B 53 9.56 -5.67 -25.34
C ALA B 53 9.98 -6.62 -24.22
N LEU B 54 10.96 -6.22 -23.39
CA LEU B 54 11.38 -7.09 -22.26
C LEU B 54 10.25 -7.26 -21.24
N ALA B 55 9.58 -6.16 -20.87
CA ALA B 55 8.47 -6.19 -19.89
C ALA B 55 7.27 -6.98 -20.42
N GLN B 56 6.97 -6.87 -21.73
CA GLN B 56 5.86 -7.61 -22.37
C GLN B 56 6.07 -9.12 -22.30
N GLN B 57 7.29 -9.57 -22.68
CA GLN B 57 7.63 -11.00 -22.67
C GLN B 57 7.63 -11.54 -21.23
N ALA B 58 8.13 -10.75 -20.28
CA ALA B 58 8.22 -11.16 -18.86
C ALA B 58 6.86 -11.14 -18.13
N THR B 59 5.84 -10.46 -18.68
CA THR B 59 4.50 -10.39 -18.04
C THR B 59 3.40 -11.05 -18.89
N ALA B 60 3.76 -11.64 -20.04
CA ALA B 60 2.85 -12.31 -21.00
C ALA B 60 1.95 -13.36 -20.35
N HIS B 61 2.43 -14.02 -19.28
CA HIS B 61 1.68 -15.05 -18.54
C HIS B 61 0.55 -14.47 -17.67
N LEU B 62 0.57 -13.15 -17.42
CA LEU B 62 -0.46 -12.44 -16.65
C LEU B 62 -1.42 -11.79 -17.66
N GLY B 63 -2.61 -12.35 -17.78
CA GLY B 63 -3.61 -11.91 -18.75
C GLY B 63 -4.17 -10.51 -18.60
N ASN B 64 -4.11 -9.94 -17.38
CA ASN B 64 -4.70 -8.63 -17.12
C ASN B 64 -3.65 -7.51 -16.94
N VAL B 65 -2.46 -7.68 -17.55
CA VAL B 65 -1.39 -6.68 -17.56
C VAL B 65 -1.32 -6.12 -18.97
N GLU B 66 -1.20 -4.80 -19.09
CA GLU B 66 -1.01 -4.09 -20.35
C GLU B 66 0.30 -3.27 -20.19
N VAL B 67 1.32 -3.51 -21.05
CA VAL B 67 2.59 -2.75 -20.98
C VAL B 67 2.46 -1.60 -21.97
N VAL B 68 2.78 -0.39 -21.54
N VAL B 68 2.68 -0.34 -21.50
CA VAL B 68 2.68 0.77 -22.41
CA VAL B 68 2.50 0.90 -22.30
C VAL B 68 3.77 1.77 -22.05
C VAL B 68 3.58 1.94 -21.99
N GLY B 69 4.18 2.56 -23.04
CA GLY B 69 5.17 3.61 -22.87
C GLY B 69 4.45 4.93 -22.65
N PHE B 70 5.03 5.86 -21.87
CA PHE B 70 4.41 7.18 -21.65
C PHE B 70 5.48 8.24 -21.48
N SER B 71 5.19 9.45 -21.96
CA SER B 71 6.15 10.56 -21.83
C SER B 71 5.57 11.75 -21.03
N ASP B 72 4.28 11.70 -20.67
CA ASP B 72 3.70 12.85 -19.93
C ASP B 72 4.02 12.75 -18.45
N LEU B 73 3.52 13.72 -17.66
CA LEU B 73 3.53 13.63 -16.22
C LEU B 73 2.78 12.33 -15.90
N MET B 74 3.30 11.53 -14.97
CA MET B 74 2.70 10.25 -14.60
C MET B 74 1.21 10.45 -14.27
N ALA B 75 0.85 11.45 -13.44
CA ALA B 75 -0.57 11.68 -13.10
C ALA B 75 -1.43 12.07 -14.32
N ASN B 76 -0.86 12.81 -15.30
CA ASN B 76 -1.61 13.17 -16.53
C ASN B 76 -1.92 11.90 -17.33
N PHE B 77 -0.94 10.98 -17.41
CA PHE B 77 -1.14 9.72 -18.11
C PHE B 77 -2.18 8.84 -17.37
N ALA B 78 -2.07 8.75 -16.05
CA ALA B 78 -3.00 7.95 -15.23
C ALA B 78 -4.43 8.45 -15.42
N ARG B 79 -4.64 9.79 -15.41
CA ARG B 79 -5.95 10.40 -15.61
C ARG B 79 -6.51 10.00 -16.98
N ASN B 80 -5.68 10.09 -18.04
CA ASN B 80 -6.14 9.78 -19.40
C ASN B 80 -6.44 8.29 -19.60
N GLN B 81 -5.80 7.42 -18.82
CA GLN B 81 -5.99 5.97 -18.86
C GLN B 81 -7.16 5.53 -17.94
N HIS B 82 -7.81 6.48 -17.23
CA HIS B 82 -8.91 6.20 -16.28
C HIS B 82 -8.44 5.29 -15.14
N ALA B 83 -7.16 5.44 -14.73
CA ALA B 83 -6.66 4.65 -13.60
C ALA B 83 -7.12 5.37 -12.32
N THR B 84 -7.53 4.62 -11.30
CA THR B 84 -7.93 5.21 -10.02
C THR B 84 -7.03 4.70 -8.90
N VAL B 85 -6.12 3.79 -9.24
CA VAL B 85 -5.20 3.20 -8.26
C VAL B 85 -3.79 3.31 -8.84
N LEU B 86 -2.85 3.82 -8.04
CA LEU B 86 -1.44 3.93 -8.39
C LEU B 86 -0.65 2.94 -7.51
N ILE B 87 0.05 2.00 -8.15
CA ILE B 87 0.79 0.94 -7.46
C ILE B 87 2.27 1.30 -7.34
N ARG B 88 2.80 1.15 -6.11
N ARG B 88 2.82 1.22 -6.12
CA ARG B 88 4.21 1.36 -5.80
CA ARG B 88 4.27 1.39 -5.89
C ARG B 88 4.68 0.23 -4.92
C ARG B 88 4.71 0.33 -4.88
N GLY B 89 5.94 -0.15 -5.03
CA GLY B 89 6.52 -1.16 -4.15
C GLY B 89 7.28 -0.43 -3.04
N LEU B 90 7.27 -0.96 -1.80
CA LEU B 90 8.02 -0.35 -0.69
C LEU B 90 8.99 -1.40 -0.19
N ARG B 91 10.28 -1.21 -0.50
CA ARG B 91 11.37 -2.13 -0.12
C ARG B 91 11.92 -1.85 1.27
N ALA B 92 12.27 -0.57 1.57
CA ALA B 92 12.88 -0.15 2.84
C ALA B 92 12.58 1.32 3.14
N VAL B 93 13.14 1.86 4.24
CA VAL B 93 12.95 3.23 4.76
C VAL B 93 13.19 4.33 3.70
N ALA B 94 14.26 4.19 2.89
CA ALA B 94 14.58 5.16 1.82
C ALA B 94 13.39 5.27 0.85
N ASP B 95 12.75 4.12 0.52
CA ASP B 95 11.56 4.07 -0.34
C ASP B 95 10.41 4.79 0.32
N PHE B 96 10.16 4.48 1.60
CA PHE B 96 9.08 5.06 2.38
C PHE B 96 9.08 6.61 2.34
N GLU B 97 10.23 7.26 2.60
CA GLU B 97 10.33 8.73 2.63
C GLU B 97 10.01 9.39 1.29
N TYR B 98 10.68 8.93 0.22
CA TYR B 98 10.52 9.43 -1.14
C TYR B 98 9.10 9.20 -1.69
N GLU B 99 8.54 7.99 -1.45
CA GLU B 99 7.20 7.63 -1.93
C GLU B 99 6.12 8.48 -1.25
N MET B 100 6.31 8.82 0.03
N MET B 100 6.35 8.83 0.05
CA MET B 100 5.32 9.65 0.71
CA MET B 100 5.44 9.69 0.82
C MET B 100 5.30 11.08 0.13
C MET B 100 5.34 11.06 0.16
N GLN B 101 6.49 11.63 -0.21
CA GLN B 101 6.58 12.95 -0.84
C GLN B 101 5.91 12.93 -2.23
N LEU B 102 6.14 11.87 -3.05
CA LEU B 102 5.49 11.75 -4.35
C LEU B 102 3.98 11.55 -4.21
N ALA B 103 3.54 10.79 -3.19
CA ALA B 103 2.11 10.53 -3.04
C ALA B 103 1.32 11.79 -2.70
N HIS B 104 1.89 12.69 -1.87
CA HIS B 104 1.22 13.96 -1.54
C HIS B 104 1.15 14.85 -2.79
N MET B 105 2.21 14.82 -3.61
CA MET B 105 2.23 15.60 -4.86
C MET B 105 1.18 15.05 -5.84
N ASN B 106 1.15 13.72 -6.02
CA ASN B 106 0.15 13.10 -6.92
C ASN B 106 -1.29 13.30 -6.46
N ARG B 107 -1.51 13.37 -5.13
CA ARG B 107 -2.86 13.62 -4.60
C ARG B 107 -3.30 15.07 -4.92
N HIS B 108 -2.33 16.02 -4.92
CA HIS B 108 -2.63 17.40 -5.30
C HIS B 108 -2.98 17.45 -6.79
N LEU B 109 -2.19 16.74 -7.63
CA LEU B 109 -2.34 16.75 -9.10
C LEU B 109 -3.61 16.02 -9.56
N MET B 110 -3.89 14.86 -8.96
CA MET B 110 -5.04 14.02 -9.32
C MET B 110 -5.62 13.42 -8.03
N PRO B 111 -6.53 14.16 -7.34
CA PRO B 111 -7.09 13.65 -6.08
C PRO B 111 -7.84 12.31 -6.19
N GLU B 112 -8.35 11.97 -7.38
CA GLU B 112 -9.11 10.73 -7.60
C GLU B 112 -8.21 9.49 -7.81
N LEU B 113 -6.88 9.70 -7.80
CA LEU B 113 -5.92 8.60 -7.96
C LEU B 113 -5.41 8.23 -6.57
N GLU B 114 -5.71 7.02 -6.11
CA GLU B 114 -5.26 6.59 -4.79
C GLU B 114 -3.95 5.82 -4.85
N SER B 115 -2.93 6.27 -4.10
CA SER B 115 -1.64 5.58 -4.05
C SER B 115 -1.77 4.37 -3.11
N VAL B 116 -1.36 3.17 -3.60
CA VAL B 116 -1.44 1.90 -2.87
C VAL B 116 -0.04 1.34 -2.84
N PHE B 117 0.47 1.07 -1.65
CA PHE B 117 1.83 0.54 -1.54
C PHE B 117 1.81 -0.93 -1.20
N LEU B 118 2.57 -1.71 -1.97
CA LEU B 118 2.72 -3.15 -1.79
C LEU B 118 4.13 -3.46 -1.36
N MET B 119 4.30 -4.63 -0.74
CA MET B 119 5.60 -5.10 -0.29
C MET B 119 6.07 -6.30 -1.08
N PRO B 120 7.29 -6.23 -1.62
CA PRO B 120 7.78 -7.38 -2.38
C PRO B 120 8.19 -8.53 -1.46
N SER B 121 8.42 -9.70 -2.02
CA SER B 121 8.96 -10.87 -1.32
C SER B 121 10.32 -10.45 -0.69
N LYS B 122 10.69 -11.08 0.45
CA LYS B 122 12.01 -10.85 1.09
C LYS B 122 13.13 -11.08 0.07
N GLU B 123 12.91 -12.02 -0.86
CA GLU B 123 13.86 -12.38 -1.91
C GLU B 123 14.35 -11.17 -2.75
N TRP B 124 13.48 -10.17 -2.97
CA TRP B 124 13.75 -8.99 -3.81
C TRP B 124 13.77 -7.65 -3.05
N SER B 125 13.65 -7.71 -1.71
N SER B 125 13.76 -7.68 -1.71
CA SER B 125 13.57 -6.54 -0.81
CA SER B 125 13.72 -6.43 -0.92
C SER B 125 14.87 -5.75 -0.73
C SER B 125 14.92 -5.49 -1.08
N PHE B 126 15.93 -6.20 -1.42
N PHE B 126 16.12 -6.03 -1.30
CA PHE B 126 17.24 -5.55 -1.37
CA PHE B 126 17.36 -5.24 -1.42
C PHE B 126 17.85 -5.31 -2.76
C PHE B 126 17.77 -4.92 -2.85
N ILE B 127 17.00 -5.37 -3.84
CA ILE B 127 17.44 -5.13 -5.22
C ILE B 127 16.76 -3.91 -5.87
N SER B 128 17.44 -3.37 -6.88
CA SER B 128 16.94 -2.28 -7.72
C SER B 128 17.54 -2.55 -9.10
N SER B 129 16.96 -1.97 -10.19
CA SER B 129 17.58 -2.11 -11.52
C SER B 129 19.01 -1.50 -11.49
N SER B 130 19.20 -0.38 -10.76
N SER B 130 19.20 -0.36 -10.77
CA SER B 130 20.48 0.31 -10.61
CA SER B 130 20.50 0.29 -10.66
C SER B 130 21.56 -0.58 -10.03
C SER B 130 21.56 -0.62 -10.05
N LEU B 131 21.26 -1.31 -8.93
CA LEU B 131 22.24 -2.21 -8.27
C LEU B 131 22.56 -3.40 -9.17
N VAL B 132 21.52 -4.00 -9.77
CA VAL B 132 21.71 -5.15 -10.68
C VAL B 132 22.64 -4.75 -11.85
N LYS B 133 22.37 -3.59 -12.47
CA LYS B 133 23.18 -3.13 -13.61
C LYS B 133 24.63 -2.91 -13.16
N GLU B 134 24.84 -2.28 -11.99
CA GLU B 134 26.18 -2.01 -11.47
C GLU B 134 26.99 -3.30 -11.20
N VAL B 135 26.35 -4.29 -10.57
CA VAL B 135 26.96 -5.60 -10.29
C VAL B 135 27.29 -6.29 -11.62
N ALA B 136 26.32 -6.35 -12.56
CA ALA B 136 26.54 -7.00 -13.86
C ALA B 136 27.68 -6.31 -14.66
N ARG B 137 27.72 -4.96 -14.66
CA ARG B 137 28.77 -4.19 -15.36
C ARG B 137 30.16 -4.55 -14.81
N HIS B 138 30.25 -4.79 -13.49
CA HIS B 138 31.53 -5.13 -12.84
C HIS B 138 31.78 -6.64 -12.74
N GLN B 139 31.08 -7.46 -13.58
CA GLN B 139 31.29 -8.90 -13.73
C GLN B 139 30.82 -9.76 -12.55
N GLY B 140 29.68 -9.38 -11.98
CA GLY B 140 29.02 -10.15 -10.92
C GLY B 140 27.81 -10.88 -11.46
N ASP B 141 27.46 -12.01 -10.81
CA ASP B 141 26.32 -12.84 -11.23
C ASP B 141 24.98 -12.27 -10.76
N VAL B 142 24.08 -11.89 -11.70
CA VAL B 142 22.76 -11.36 -11.35
C VAL B 142 21.60 -12.21 -11.91
N THR B 143 21.90 -13.40 -12.43
CA THR B 143 20.90 -14.31 -13.05
C THR B 143 19.67 -14.50 -12.16
N HIS B 144 19.89 -14.69 -10.86
CA HIS B 144 18.81 -14.93 -9.91
C HIS B 144 17.76 -13.79 -9.84
N PHE B 145 18.18 -12.55 -10.15
CA PHE B 145 17.33 -11.37 -9.96
C PHE B 145 16.52 -10.96 -11.16
N LEU B 146 16.71 -11.65 -12.29
CA LEU B 146 16.06 -11.24 -13.53
C LEU B 146 15.27 -12.32 -14.22
N PRO B 147 14.22 -11.95 -14.99
CA PRO B 147 13.55 -12.96 -15.84
C PRO B 147 14.58 -13.41 -16.89
N GLU B 148 14.45 -14.63 -17.42
CA GLU B 148 15.40 -15.18 -18.40
C GLU B 148 15.66 -14.27 -19.61
N ASN B 149 14.61 -13.68 -20.23
CA ASN B 149 14.74 -12.81 -21.40
C ASN B 149 15.61 -11.57 -21.09
N VAL B 150 15.43 -11.00 -19.88
CA VAL B 150 16.20 -9.83 -19.42
C VAL B 150 17.67 -10.21 -19.18
N HIS B 151 17.92 -11.38 -18.56
CA HIS B 151 19.28 -11.94 -18.35
C HIS B 151 20.00 -12.02 -19.72
N GLN B 152 19.33 -12.58 -20.73
CA GLN B 152 19.87 -12.68 -22.09
C GLN B 152 20.17 -11.32 -22.73
N ALA B 153 19.24 -10.36 -22.60
CA ALA B 153 19.40 -9.01 -23.16
C ALA B 153 20.50 -8.24 -22.45
N LEU B 154 20.61 -8.39 -21.12
CA LEU B 154 21.64 -7.67 -20.36
C LEU B 154 23.05 -8.20 -20.71
N MET B 155 23.19 -9.51 -20.85
CA MET B 155 24.46 -10.12 -21.25
C MET B 155 24.88 -9.59 -22.63
N ALA B 156 23.92 -9.51 -23.57
CA ALA B 156 24.20 -9.01 -24.94
C ALA B 156 24.61 -7.53 -24.92
N LYS B 157 23.95 -6.73 -24.08
CA LYS B 157 24.25 -5.30 -23.97
C LYS B 157 25.68 -5.10 -23.40
N LEU B 158 26.03 -5.86 -22.36
CA LEU B 158 27.34 -5.73 -21.72
C LEU B 158 28.49 -6.32 -22.53
N ALA B 159 28.18 -7.25 -23.47
CA ALA B 159 29.20 -7.86 -24.31
C ALA B 159 29.81 -6.84 -25.29
N VAL B 160 29.01 -5.86 -25.73
CA VAL B 160 29.46 -4.84 -26.70
C VAL B 160 29.91 -3.53 -26.04
C1 F0Y C . -1.21 -6.96 11.38
C2 F0Y C . -1.40 -7.28 13.81
C3 F0Y C . -2.68 -7.21 14.64
O1 F0Y C . -0.82 -8.08 11.20
C11 F0Y C . -4.48 -7.76 17.29
C12 F0Y C . -4.63 -9.94 18.58
C13 F0Y C . -6.16 -10.20 18.79
C14 F0Y C . -6.67 -9.56 20.01
C15 F0Y C . -3.01 -10.71 16.80
C16 F0Y C . -0.90 -10.25 16.42
C17 F0Y C . 0.45 -9.87 16.40
C18 F0Y C . 1.18 -10.18 15.27
C19 F0Y C . 0.57 -10.85 14.20
C20 F0Y C . 1.31 -11.12 12.91
C21 F0Y C . -1.43 -10.92 15.34
C22 F0Y C . -3.15 -4.94 13.73
C23 F0Y C . -1.88 -5.06 12.87
N1 F0Y C . -7.09 -9.05 20.92
N2 F0Y C . -4.23 -10.71 17.39
N5 F0Y C . -2.75 -11.19 15.61
N4 F0Y C . -0.72 -11.23 14.23
N3 F0Y C . -1.91 -10.14 17.34
C10 F0Y C . -4.33 -8.46 18.49
C9 F0Y C . -3.90 -7.75 19.61
C8 F0Y C . -3.64 -6.39 19.53
C7 F0Y C . -3.80 -5.72 18.33
C6 F0Y C . -4.21 -6.40 17.18
C5 F0Y C . -4.32 -5.70 15.85
C4 F0Y C . -3.04 -5.77 15.01
N F0Y C . -1.52 -6.46 12.60
O F0Y C . -1.38 -6.03 10.42
C F0Y C . -0.79 -6.37 9.15
S SO4 D . -3.45 -9.52 23.55
O1 SO4 D . -2.34 -9.68 22.63
O2 SO4 D . -3.16 -10.15 24.84
O3 SO4 D . -3.68 -8.09 23.73
O4 SO4 D . -4.69 -10.12 23.05
S SO4 E . -3.37 4.60 15.97
O1 SO4 E . -4.31 3.91 16.87
O2 SO4 E . -2.04 4.49 16.54
O3 SO4 E . -3.78 5.99 15.81
O4 SO4 E . -3.39 3.97 14.65
S SO4 F . -4.05 15.73 1.32
O1 SO4 F . -3.05 14.69 1.47
O2 SO4 F . -3.68 16.83 2.18
O3 SO4 F . -4.11 16.17 -0.08
O4 SO4 F . -5.38 15.29 1.70
O2 PG4 G . -13.23 16.04 9.47
C3 PG4 G . -13.52 14.94 8.63
C4 PG4 G . -12.65 13.79 9.00
O3 PG4 G . -12.82 12.72 8.08
C5 PG4 G . -11.60 12.22 7.56
C6 PG4 G . -11.49 12.53 6.10
O4 PG4 G . -12.32 11.66 5.34
C7 PG4 G . -12.21 11.86 3.92
C8 PG4 G . -11.34 10.81 3.30
O5 PG4 G . -11.29 10.93 1.88
C1 F0Y H . 5.66 8.69 -9.17
C2 F0Y H . 7.22 9.66 -10.79
C3 F0Y H . 7.41 9.13 -12.21
O1 F0Y H . 4.97 9.68 -9.15
C11 F0Y H . 8.42 9.34 -15.31
C12 F0Y H . 8.09 11.38 -16.79
C13 F0Y H . 7.56 10.84 -18.16
C14 F0Y H . 8.68 10.49 -19.03
C15 F0Y H . 6.95 12.21 -14.70
C16 F0Y H . 7.65 12.90 -12.73
C17 F0Y H . 8.31 13.31 -11.57
C18 F0Y H . 7.53 13.54 -10.44
C19 F0Y H . 6.15 13.35 -10.48
C20 F0Y H . 5.28 13.56 -9.28
C21 F0Y H . 6.28 12.73 -12.71
C22 F0Y H . 7.87 6.85 -11.32
C23 F0Y H . 7.69 7.41 -9.89
N1 F0Y H . 9.56 10.20 -19.68
N2 F0Y H . 6.94 11.81 -15.99
N5 F0Y H . 5.87 12.30 -13.95
N4 F0Y H . 5.53 12.96 -11.62
N3 F0Y H . 8.05 12.58 -14.01
C10 F0Y H . 8.98 10.35 -16.08
C9 F0Y H . 10.37 10.43 -16.19
C8 F0Y H . 11.18 9.51 -15.53
C7 F0Y H . 10.59 8.52 -14.74
C6 F0Y H . 9.22 8.42 -14.62
C5 F0Y H . 8.58 7.42 -13.69
C4 F0Y H . 8.37 7.94 -12.26
N F0Y H . 6.79 8.59 -9.90
O F0Y H . 5.43 7.58 -8.47
C F0Y H . 4.28 7.63 -7.59
S SO4 I . 7.93 -13.33 1.48
O1 SO4 I . 9.32 -13.49 1.73
O2 SO4 I . 7.13 -14.15 2.38
O3 SO4 I . 7.59 -11.95 1.61
O4 SO4 I . 7.70 -13.83 0.12
S SO4 J . 13.82 0.21 -9.45
O1 SO4 J . 14.25 -1.19 -9.41
O2 SO4 J . 14.14 0.85 -8.19
O3 SO4 J . 14.50 0.91 -10.53
O4 SO4 J . 12.38 0.30 -9.72
O1 PG4 K . 1.88 -14.20 -4.49
C1 PG4 K . 2.35 -13.85 -5.77
C2 PG4 K . 3.80 -13.47 -5.73
O2 PG4 K . 4.28 -13.22 -7.05
C3 PG4 K . 5.43 -13.97 -7.38
C4 PG4 K . 5.97 -13.50 -8.69
O3 PG4 K . 7.32 -13.88 -8.83
C5 PG4 K . 8.15 -12.81 -9.28
C6 PG4 K . 9.56 -13.24 -9.33
O4 PG4 K . 9.69 -14.40 -10.14
C7 PG4 K . 10.97 -15.01 -10.02
C8 PG4 K . 10.83 -16.46 -9.71
O5 PG4 K . 12.10 -17.07 -9.54
O3 PG4 L . 11.66 10.82 -11.69
C5 PG4 L . 11.03 11.17 -10.47
C6 PG4 L . 11.56 12.46 -9.97
O4 PG4 L . 11.14 12.71 -8.64
C7 PG4 L . 11.43 14.03 -8.21
C8 PG4 L . 12.21 14.02 -6.93
O5 PG4 L . 12.55 15.33 -6.49
#